data_8RIN
#
_entry.id   8RIN
#
_cell.length_a   48.301
_cell.length_b   52.236
_cell.length_c   57.441
_cell.angle_alpha   88.39
_cell.angle_beta   84.6
_cell.angle_gamma   80.17
#
_symmetry.space_group_name_H-M   'P 1'
#
loop_
_entity.id
_entity.type
_entity.pdbx_description
1 polymer 'ESX-5 secretion system protein EccC5'
2 water water
#
_entity_poly.entity_id   1
_entity_poly.type   'polypeptide(L)'
_entity_poly.pdbx_seq_one_letter_code
;GPMKRGFARPTPEKPPVIGSSGQESADSMDANYRWFHPAPNTLAAAVGSPRMWERKPDGKDLNFGVVRVGGSGFGRYQSV
VYNLPKMVSLLVEPWYALVGEREQVLGLMRAIICQLAFSHGPDHVQMIVVSSDLDQWDWVKWLPHFGDSRRHDAAGNARM
VYTSVREFAAEQAELFAGRGSFTPRHASSSAQTPTPHTVIIADVDDPQWEYVISAEGVDGVTFFDLTGSSMWTDIPERKL
QFDKTGVIEALPRDRDTWMVIDDKAWFFALTDQVSIAEAEEFAQKLAQWRLA
;
_entity_poly.pdbx_strand_id   A,B
#
# COMPACT_ATOMS: atom_id res chain seq x y z
N SER A 28 -4.26 -31.80 10.71
CA SER A 28 -3.49 -31.20 9.62
C SER A 28 -3.49 -29.67 9.67
N MET A 29 -2.59 -29.07 10.49
CA MET A 29 -2.47 -27.61 10.64
C MET A 29 -2.07 -26.87 9.33
N ASP A 30 -1.21 -27.45 8.49
CA ASP A 30 -0.82 -26.83 7.21
C ASP A 30 -1.99 -26.90 6.20
N ALA A 31 -2.78 -27.98 6.26
CA ALA A 31 -3.92 -28.13 5.35
C ALA A 31 -5.05 -27.18 5.68
N ASN A 32 -5.26 -26.93 6.97
CA ASN A 32 -6.32 -26.07 7.45
C ASN A 32 -5.82 -24.73 7.96
N TYR A 33 -4.63 -24.30 7.52
CA TYR A 33 -4.05 -23.03 7.98
C TYR A 33 -4.96 -21.83 7.77
N ARG A 34 -5.82 -21.82 6.71
CA ARG A 34 -6.74 -20.70 6.45
C ARG A 34 -7.81 -20.53 7.52
N TRP A 35 -8.10 -21.59 8.27
CA TRP A 35 -9.06 -21.54 9.35
C TRP A 35 -8.45 -20.87 10.59
N PHE A 36 -7.12 -20.90 10.75
CA PHE A 36 -6.48 -20.36 11.95
C PHE A 36 -5.66 -19.08 11.71
N HIS A 37 -4.92 -19.03 10.60
CA HIS A 37 -4.05 -17.92 10.24
C HIS A 37 -4.22 -17.51 8.78
N PRO A 38 -5.38 -16.94 8.45
CA PRO A 38 -5.58 -16.47 7.05
C PRO A 38 -4.91 -15.11 6.79
N ALA A 39 -4.95 -14.61 5.54
CA ALA A 39 -4.42 -13.27 5.26
C ALA A 39 -5.29 -12.24 6.03
N PRO A 40 -4.69 -11.23 6.66
CA PRO A 40 -5.47 -10.33 7.51
C PRO A 40 -6.55 -9.51 6.79
N ASN A 41 -6.43 -9.31 5.46
CA ASN A 41 -7.51 -8.57 4.78
C ASN A 41 -8.76 -9.44 4.48
N THR A 42 -8.73 -10.72 4.89
CA THR A 42 -9.90 -11.58 4.78
C THR A 42 -10.72 -11.56 6.11
N LEU A 43 -10.17 -10.99 7.20
CA LEU A 43 -10.79 -11.03 8.53
C LEU A 43 -12.09 -10.26 8.65
N ALA A 44 -12.24 -9.11 7.96
CA ALA A 44 -13.46 -8.33 8.03
C ALA A 44 -14.67 -9.14 7.54
N ALA A 45 -14.51 -9.85 6.39
CA ALA A 45 -15.57 -10.70 5.83
C ALA A 45 -15.91 -11.89 6.72
N ALA A 46 -14.94 -12.37 7.50
CA ALA A 46 -15.13 -13.51 8.40
C ALA A 46 -15.67 -13.10 9.77
N VAL A 47 -15.86 -11.78 10.05
CA VAL A 47 -16.39 -11.36 11.36
C VAL A 47 -17.77 -12.02 11.64
N GLY A 48 -17.91 -12.63 12.81
CA GLY A 48 -19.16 -13.27 13.19
C GLY A 48 -19.22 -14.74 12.86
N SER A 49 -18.18 -15.29 12.21
CA SER A 49 -18.15 -16.72 11.90
C SER A 49 -17.78 -17.51 13.20
N PRO A 50 -17.87 -18.86 13.21
CA PRO A 50 -17.50 -19.62 14.43
C PRO A 50 -15.99 -19.64 14.73
N ARG A 51 -15.16 -19.21 13.80
CA ARG A 51 -13.71 -19.10 14.00
C ARG A 51 -13.34 -17.84 14.82
N MET A 52 -14.27 -16.87 14.95
CA MET A 52 -13.98 -15.62 15.64
C MET A 52 -13.97 -15.82 17.15
N TRP A 53 -12.92 -15.36 17.81
CA TRP A 53 -12.76 -15.48 19.26
C TRP A 53 -12.80 -16.97 19.72
N GLU A 54 -12.33 -17.86 18.87
CA GLU A 54 -12.35 -19.29 19.12
C GLU A 54 -11.15 -19.77 19.96
N ARG A 55 -10.05 -19.00 20.03
CA ARG A 55 -8.86 -19.43 20.77
C ARG A 55 -9.16 -19.65 22.24
N LYS A 56 -8.57 -20.70 22.83
CA LYS A 56 -8.83 -21.00 24.24
C LYS A 56 -7.56 -21.21 24.98
N PRO A 57 -7.43 -20.62 26.19
CA PRO A 57 -6.21 -20.85 26.99
C PRO A 57 -6.32 -22.15 27.82
N ASP A 58 -6.72 -23.26 27.20
CA ASP A 58 -6.95 -24.52 27.93
C ASP A 58 -5.79 -25.52 27.90
N GLY A 59 -4.67 -25.16 27.27
CA GLY A 59 -3.53 -26.09 27.13
C GLY A 59 -3.69 -27.09 26.00
N LYS A 60 -4.87 -27.13 25.36
CA LYS A 60 -5.10 -28.02 24.22
C LYS A 60 -5.04 -27.24 22.89
N ASP A 61 -5.37 -25.96 22.90
CA ASP A 61 -5.33 -25.14 21.70
C ASP A 61 -3.92 -24.60 21.55
N LEU A 62 -3.14 -25.20 20.67
CA LEU A 62 -1.74 -24.77 20.46
C LEU A 62 -1.59 -23.47 19.66
N ASN A 63 -2.69 -22.88 19.22
CA ASN A 63 -2.69 -21.59 18.54
C ASN A 63 -2.98 -20.45 19.54
N PHE A 64 -3.22 -20.75 20.86
CA PHE A 64 -3.50 -19.68 21.82
C PHE A 64 -2.24 -18.81 21.97
N GLY A 65 -2.38 -17.49 21.83
CA GLY A 65 -1.26 -16.59 21.92
C GLY A 65 -0.37 -16.59 20.69
N VAL A 66 -0.80 -17.20 19.58
CA VAL A 66 -0.01 -17.23 18.35
C VAL A 66 -0.64 -16.29 17.35
N VAL A 67 0.19 -15.51 16.62
CA VAL A 67 -0.35 -14.55 15.68
C VAL A 67 0.47 -14.57 14.40
N ARG A 68 -0.21 -14.60 13.28
CA ARG A 68 0.44 -14.61 11.97
C ARG A 68 1.07 -13.24 11.69
N VAL A 69 2.33 -13.23 11.24
CA VAL A 69 3.03 -12.01 10.84
C VAL A 69 3.26 -11.93 9.32
N GLY A 70 3.17 -13.04 8.59
CA GLY A 70 3.40 -13.01 7.16
C GLY A 70 3.40 -14.39 6.51
N GLY A 71 4.06 -14.50 5.36
CA GLY A 71 4.10 -15.74 4.60
C GLY A 71 5.50 -16.24 4.31
N SER A 72 5.61 -17.51 3.92
CA SER A 72 6.91 -18.11 3.67
C SER A 72 7.50 -17.84 2.28
N GLY A 73 6.66 -17.46 1.32
CA GLY A 73 7.14 -17.16 -0.02
C GLY A 73 7.66 -15.74 -0.14
N PHE A 74 8.74 -15.53 -0.93
CA PHE A 74 9.32 -14.21 -1.11
C PHE A 74 10.18 -14.11 -2.38
N GLY A 75 10.33 -12.89 -2.88
CA GLY A 75 11.16 -12.61 -4.05
C GLY A 75 10.79 -13.39 -5.30
N ARG A 76 11.79 -13.82 -6.06
CA ARG A 76 11.57 -14.61 -7.28
C ARG A 76 11.02 -16.03 -6.97
N TYR A 77 11.00 -16.44 -5.71
CA TYR A 77 10.50 -17.75 -5.30
C TYR A 77 9.00 -17.75 -4.97
N GLN A 78 8.35 -16.59 -4.93
CA GLN A 78 6.92 -16.51 -4.61
C GLN A 78 6.03 -17.43 -5.46
N SER A 79 6.32 -17.53 -6.76
CA SER A 79 5.51 -18.33 -7.66
C SER A 79 5.77 -19.84 -7.58
N VAL A 80 6.88 -20.27 -6.95
CA VAL A 80 7.18 -21.72 -6.87
C VAL A 80 7.12 -22.28 -5.43
N VAL A 81 7.06 -21.41 -4.41
CA VAL A 81 6.98 -21.87 -3.03
C VAL A 81 5.52 -21.95 -2.54
N TYR A 82 5.11 -23.07 -1.94
CA TYR A 82 3.77 -23.18 -1.38
C TYR A 82 3.74 -22.31 -0.14
N ASN A 83 3.02 -21.20 -0.23
CA ASN A 83 2.95 -20.21 0.85
C ASN A 83 2.28 -20.74 2.11
N LEU A 84 3.02 -20.80 3.20
CA LEU A 84 2.53 -21.19 4.52
C LEU A 84 2.70 -19.97 5.43
N PRO A 85 1.80 -19.78 6.41
CA PRO A 85 1.92 -18.60 7.29
C PRO A 85 3.11 -18.69 8.24
N LYS A 86 3.68 -17.54 8.55
CA LYS A 86 4.76 -17.44 9.53
C LYS A 86 4.19 -16.68 10.73
N MET A 87 4.56 -17.08 11.94
CA MET A 87 3.95 -16.54 13.14
C MET A 87 4.93 -16.26 14.27
N VAL A 88 4.46 -15.48 15.28
CA VAL A 88 5.14 -15.28 16.55
C VAL A 88 4.21 -15.72 17.68
N SER A 89 4.80 -16.25 18.76
CA SER A 89 4.01 -16.55 19.94
C SER A 89 4.22 -15.41 20.98
N LEU A 90 3.12 -14.93 21.54
CA LEU A 90 3.15 -13.91 22.59
C LEU A 90 3.70 -14.46 23.91
N LEU A 91 3.60 -15.79 24.12
CA LEU A 91 3.95 -16.45 25.37
C LEU A 91 5.42 -16.80 25.55
N VAL A 92 6.23 -16.72 24.48
CA VAL A 92 7.63 -17.14 24.57
C VAL A 92 8.61 -15.95 24.71
N GLU A 93 8.17 -14.72 24.42
CA GLU A 93 9.06 -13.55 24.58
C GLU A 93 8.34 -12.42 25.27
N PRO A 94 9.03 -11.68 26.17
CA PRO A 94 8.37 -10.52 26.83
C PRO A 94 8.10 -9.36 25.88
N TRP A 95 8.83 -9.30 24.76
CA TRP A 95 8.66 -8.31 23.72
C TRP A 95 9.20 -8.77 22.36
N TYR A 96 8.76 -8.10 21.28
CA TYR A 96 9.26 -8.17 19.93
C TYR A 96 9.55 -6.72 19.50
N ALA A 97 10.65 -6.54 18.79
CA ALA A 97 11.06 -5.23 18.34
C ALA A 97 10.99 -5.26 16.83
N LEU A 98 10.10 -4.44 16.25
CA LEU A 98 9.88 -4.35 14.80
C LEU A 98 10.80 -3.22 14.34
N VAL A 99 11.83 -3.56 13.53
CA VAL A 99 12.83 -2.60 13.07
C VAL A 99 12.71 -2.39 11.58
N GLY A 100 12.26 -1.23 11.16
CA GLY A 100 12.12 -0.92 9.75
C GLY A 100 11.59 0.45 9.51
N GLU A 101 11.21 0.73 8.27
CA GLU A 101 10.66 2.03 7.91
C GLU A 101 9.29 2.20 8.54
N ARG A 102 8.92 3.44 8.84
CA ARG A 102 7.68 3.74 9.54
C ARG A 102 6.43 3.03 9.00
N GLU A 103 6.15 3.13 7.70
CA GLU A 103 4.93 2.56 7.13
C GLU A 103 4.87 1.04 7.17
N GLN A 104 5.97 0.34 6.87
CA GLN A 104 5.96 -1.13 6.90
C GLN A 104 5.87 -1.67 8.35
N VAL A 105 6.41 -0.92 9.33
CA VAL A 105 6.33 -1.31 10.73
C VAL A 105 4.88 -1.15 11.22
N LEU A 106 4.21 -0.05 10.82
CA LEU A 106 2.82 0.20 11.19
C LEU A 106 1.89 -0.81 10.53
N GLY A 107 2.14 -1.11 9.26
CA GLY A 107 1.34 -2.06 8.51
C GLY A 107 1.35 -3.44 9.14
N LEU A 108 2.52 -3.88 9.63
CA LEU A 108 2.67 -5.19 10.28
C LEU A 108 1.97 -5.15 11.63
N MET A 109 2.16 -4.08 12.41
CA MET A 109 1.51 -3.94 13.71
C MET A 109 -0.01 -3.95 13.58
N ARG A 110 -0.55 -3.30 12.54
CA ARG A 110 -1.99 -3.32 12.32
C ARG A 110 -2.45 -4.73 11.96
N ALA A 111 -1.65 -5.47 11.17
CA ALA A 111 -2.02 -6.85 10.82
C ALA A 111 -2.04 -7.72 12.07
N ILE A 112 -1.05 -7.52 12.98
CA ILE A 112 -0.97 -8.30 14.23
C ILE A 112 -2.20 -8.00 15.08
N ILE A 113 -2.54 -6.72 15.24
CA ILE A 113 -3.72 -6.32 16.02
C ILE A 113 -4.99 -6.93 15.45
N CYS A 114 -5.18 -6.83 14.13
CA CYS A 114 -6.37 -7.42 13.49
C CYS A 114 -6.44 -8.92 13.66
N GLN A 115 -5.32 -9.61 13.48
CA GLN A 115 -5.30 -11.08 13.67
C GLN A 115 -5.76 -11.48 15.08
N LEU A 116 -5.23 -10.78 16.10
CA LEU A 116 -5.50 -11.12 17.49
C LEU A 116 -6.89 -10.75 17.88
N ALA A 117 -7.35 -9.56 17.48
CA ALA A 117 -8.70 -9.12 17.76
C ALA A 117 -9.72 -10.07 17.12
N PHE A 118 -9.37 -10.74 16.00
CA PHE A 118 -10.28 -11.70 15.39
C PHE A 118 -10.24 -13.08 16.07
N SER A 119 -9.05 -13.61 16.28
CA SER A 119 -8.90 -14.97 16.81
C SER A 119 -9.12 -15.11 18.31
N HIS A 120 -8.80 -14.08 19.09
CA HIS A 120 -8.94 -14.13 20.54
C HIS A 120 -9.97 -13.13 21.02
N GLY A 121 -10.80 -13.54 21.97
CA GLY A 121 -11.79 -12.67 22.58
C GLY A 121 -11.15 -11.67 23.53
N PRO A 122 -11.81 -10.53 23.80
CA PRO A 122 -11.22 -9.54 24.72
C PRO A 122 -11.11 -10.01 26.19
N ASP A 123 -11.75 -11.12 26.52
CA ASP A 123 -11.59 -11.77 27.83
C ASP A 123 -10.22 -12.53 27.89
N HIS A 124 -9.58 -12.82 26.74
CA HIS A 124 -8.33 -13.56 26.70
C HIS A 124 -7.14 -12.71 26.28
N VAL A 125 -7.38 -11.71 25.42
CA VAL A 125 -6.35 -10.78 25.00
C VAL A 125 -6.88 -9.35 25.08
N GLN A 126 -6.19 -8.52 25.84
CA GLN A 126 -6.45 -7.09 26.01
C GLN A 126 -5.28 -6.38 25.31
N MET A 127 -5.54 -5.17 24.79
CA MET A 127 -4.53 -4.44 24.05
C MET A 127 -4.39 -3.02 24.51
N ILE A 128 -3.18 -2.48 24.42
CA ILE A 128 -2.87 -1.12 24.83
C ILE A 128 -1.93 -0.50 23.82
N VAL A 129 -2.13 0.77 23.42
CA VAL A 129 -1.17 1.46 22.57
C VAL A 129 -0.68 2.72 23.30
N VAL A 130 0.66 2.94 23.32
CA VAL A 130 1.28 4.09 23.95
C VAL A 130 2.00 4.76 22.78
N SER A 131 1.47 5.88 22.28
CA SER A 131 2.02 6.47 21.07
C SER A 131 1.98 7.97 21.05
N SER A 132 3.04 8.58 20.51
CA SER A 132 3.04 10.02 20.27
C SER A 132 2.47 10.33 18.87
N ASP A 133 1.75 9.39 18.23
CA ASP A 133 1.19 9.52 16.90
C ASP A 133 -0.25 8.94 16.89
N LEU A 134 -1.15 9.56 17.67
CA LEU A 134 -2.54 9.15 17.88
C LEU A 134 -3.38 9.03 16.63
N ASP A 135 -3.08 9.85 15.61
CA ASP A 135 -3.81 9.83 14.34
C ASP A 135 -3.79 8.44 13.70
N GLN A 136 -2.71 7.68 13.89
CA GLN A 136 -2.61 6.33 13.33
C GLN A 136 -3.37 5.28 14.10
N TRP A 137 -3.84 5.61 15.32
CA TRP A 137 -4.48 4.60 16.17
C TRP A 137 -5.95 4.87 16.48
N ASP A 138 -6.57 5.81 15.79
CA ASP A 138 -7.97 6.14 16.00
C ASP A 138 -8.86 4.96 15.71
N TRP A 139 -8.52 4.15 14.70
CA TRP A 139 -9.31 2.99 14.31
C TRP A 139 -9.50 1.94 15.42
N VAL A 140 -8.58 1.85 16.41
CA VAL A 140 -8.72 0.85 17.49
C VAL A 140 -9.87 1.17 18.48
N LYS A 141 -10.49 2.35 18.38
CA LYS A 141 -11.61 2.73 19.24
C LYS A 141 -12.80 1.76 19.09
N TRP A 142 -12.91 1.06 17.96
CA TRP A 142 -14.00 0.11 17.73
C TRP A 142 -13.75 -1.27 18.35
N LEU A 143 -12.50 -1.59 18.75
CA LEU A 143 -12.18 -2.93 19.26
C LEU A 143 -12.40 -3.05 20.74
N PRO A 144 -13.14 -4.09 21.20
CA PRO A 144 -13.33 -4.23 22.65
C PRO A 144 -12.04 -4.53 23.40
N HIS A 145 -11.03 -5.11 22.72
CA HIS A 145 -9.74 -5.45 23.34
C HIS A 145 -9.04 -4.23 23.92
N PHE A 146 -9.28 -3.05 23.35
CA PHE A 146 -8.69 -1.81 23.87
C PHE A 146 -9.57 -1.07 24.88
N GLY A 147 -10.71 -1.64 25.24
CA GLY A 147 -11.61 -1.01 26.20
C GLY A 147 -11.08 -1.17 27.60
N ASP A 148 -11.13 -0.09 28.41
CA ASP A 148 -10.68 -0.17 29.80
C ASP A 148 -11.88 -0.53 30.65
N SER A 149 -11.73 -1.55 31.52
CA SER A 149 -12.82 -1.97 32.41
C SER A 149 -12.97 -1.01 33.58
N ARG A 159 -10.66 3.93 27.01
CA ARG A 159 -9.84 3.36 25.93
C ARG A 159 -8.37 3.34 26.34
N MET A 160 -7.70 2.21 26.11
CA MET A 160 -6.31 2.05 26.48
CA MET A 160 -6.31 2.05 26.49
C MET A 160 -5.37 2.50 25.38
N VAL A 161 -5.45 3.79 25.03
CA VAL A 161 -4.65 4.47 24.03
C VAL A 161 -4.09 5.68 24.77
N TYR A 162 -2.79 5.71 24.98
CA TYR A 162 -2.11 6.72 25.77
C TYR A 162 -1.08 7.46 24.92
N THR A 163 -0.79 8.72 25.25
CA THR A 163 0.17 9.49 24.48
C THR A 163 1.57 9.55 25.11
N SER A 164 1.73 9.16 26.37
CA SER A 164 3.05 9.14 27.01
C SER A 164 3.15 7.96 27.96
N VAL A 165 4.38 7.53 28.24
CA VAL A 165 4.61 6.45 29.19
C VAL A 165 4.09 6.82 30.59
N ARG A 166 4.20 8.11 30.97
CA ARG A 166 3.73 8.53 32.29
C ARG A 166 2.21 8.37 32.45
N GLU A 167 1.45 8.76 31.44
CA GLU A 167 0.00 8.64 31.47
C GLU A 167 -0.39 7.15 31.50
N PHE A 168 0.29 6.34 30.67
CA PHE A 168 0.08 4.90 30.62
C PHE A 168 0.35 4.28 31.99
N ALA A 169 1.49 4.59 32.63
CA ALA A 169 1.84 4.00 33.93
C ALA A 169 0.83 4.32 35.03
N ALA A 170 0.23 5.52 35.01
CA ALA A 170 -0.76 5.90 35.99
C ALA A 170 -2.07 5.13 35.77
N GLU A 171 -2.51 5.05 34.51
CA GLU A 171 -3.75 4.34 34.16
C GLU A 171 -3.62 2.84 34.35
N GLN A 172 -2.43 2.29 34.15
CA GLN A 172 -2.23 0.86 34.23
C GLN A 172 -1.47 0.39 35.45
N ALA A 173 -1.44 1.21 36.52
CA ALA A 173 -0.74 0.88 37.76
C ALA A 173 -1.22 -0.44 38.35
N GLU A 174 -2.53 -0.68 38.34
CA GLU A 174 -3.08 -1.93 38.86
C GLU A 174 -2.63 -3.15 38.05
N LEU A 175 -2.41 -2.97 36.74
CA LEU A 175 -1.93 -4.06 35.89
C LEU A 175 -0.52 -4.46 36.32
N PHE A 176 0.36 -3.48 36.58
CA PHE A 176 1.75 -3.78 36.93
C PHE A 176 2.03 -4.08 38.40
N ALA A 177 1.14 -3.64 39.31
CA ALA A 177 1.35 -3.87 40.74
C ALA A 177 1.27 -5.35 41.04
N GLY A 178 2.31 -5.88 41.68
CA GLY A 178 2.36 -7.28 42.08
C GLY A 178 2.75 -8.28 41.01
N ARG A 179 2.99 -7.80 39.77
CA ARG A 179 3.38 -8.68 38.69
C ARG A 179 4.86 -8.97 38.70
N GLY A 180 5.20 -10.24 38.53
CA GLY A 180 6.59 -10.64 38.51
C GLY A 180 7.21 -10.54 37.13
N SER A 181 8.38 -11.17 36.97
CA SER A 181 9.09 -11.20 35.70
C SER A 181 8.34 -12.10 34.72
N PHE A 182 8.64 -11.95 33.44
CA PHE A 182 8.01 -12.73 32.39
C PHE A 182 8.52 -14.15 32.45
N THR A 183 7.64 -15.13 32.35
CA THR A 183 8.04 -16.53 32.31
C THR A 183 7.57 -17.11 30.99
N PRO A 184 8.50 -17.48 30.10
CA PRO A 184 8.09 -18.08 28.82
C PRO A 184 7.36 -19.41 29.01
N ARG A 185 6.41 -19.71 28.12
CA ARG A 185 5.61 -20.94 28.10
C ARG A 185 6.53 -22.19 28.07
N ALA A 191 -0.87 -26.98 30.20
CA ALA A 191 -1.48 -26.24 31.32
C ALA A 191 -2.26 -25.02 30.84
N GLN A 192 -3.21 -24.52 31.67
CA GLN A 192 -4.02 -23.36 31.34
C GLN A 192 -3.22 -22.06 31.42
N THR A 193 -3.38 -21.19 30.42
CA THR A 193 -2.67 -19.92 30.38
C THR A 193 -3.46 -18.85 31.14
N PRO A 194 -2.79 -18.05 31.99
CA PRO A 194 -3.51 -16.99 32.72
C PRO A 194 -4.09 -15.94 31.76
N THR A 195 -5.29 -15.43 32.06
CA THR A 195 -5.94 -14.44 31.21
C THR A 195 -6.57 -13.28 31.99
N PRO A 196 -6.72 -12.10 31.38
CA PRO A 196 -6.29 -11.77 30.01
C PRO A 196 -4.79 -11.55 29.85
N HIS A 197 -4.25 -11.95 28.72
CA HIS A 197 -2.86 -11.64 28.38
C HIS A 197 -2.92 -10.23 27.82
N THR A 198 -1.88 -9.41 28.04
CA THR A 198 -1.88 -8.05 27.55
C THR A 198 -0.86 -7.82 26.45
N VAL A 199 -1.28 -7.23 25.34
CA VAL A 199 -0.38 -6.87 24.26
C VAL A 199 -0.25 -5.37 24.28
N ILE A 200 0.97 -4.87 24.42
CA ILE A 200 1.20 -3.44 24.48
C ILE A 200 2.05 -2.93 23.32
N ILE A 201 1.53 -1.96 22.57
CA ILE A 201 2.26 -1.38 21.46
C ILE A 201 3.01 -0.18 22.00
N ALA A 202 4.35 -0.29 22.03
CA ALA A 202 5.23 0.78 22.51
C ALA A 202 5.61 1.54 21.27
N ASP A 203 5.04 2.74 21.09
CA ASP A 203 5.25 3.59 19.92
C ASP A 203 5.66 5.03 20.33
N VAL A 204 6.51 5.14 21.34
CA VAL A 204 7.01 6.44 21.78
C VAL A 204 8.40 6.27 22.35
N ASP A 205 9.36 7.03 21.82
CA ASP A 205 10.73 6.99 22.32
C ASP A 205 10.69 7.77 23.64
N ASP A 206 10.80 7.08 24.76
CA ASP A 206 10.67 7.70 26.07
C ASP A 206 11.60 6.98 27.03
N PRO A 207 12.52 7.72 27.69
CA PRO A 207 13.44 7.05 28.63
C PRO A 207 12.75 6.36 29.80
N GLN A 208 11.51 6.79 30.12
CA GLN A 208 10.71 6.24 31.21
C GLN A 208 10.28 4.79 30.99
N TRP A 209 10.48 4.22 29.77
CA TRP A 209 10.13 2.84 29.46
C TRP A 209 10.85 1.88 30.42
N GLU A 210 12.13 2.16 30.71
CA GLU A 210 12.96 1.37 31.63
C GLU A 210 12.33 1.21 33.02
N TYR A 211 11.66 2.25 33.53
CA TYR A 211 11.02 2.18 34.85
C TYR A 211 9.70 1.39 34.87
N VAL A 212 9.26 0.87 33.70
CA VAL A 212 8.02 0.12 33.57
C VAL A 212 8.33 -1.32 33.11
N ILE A 213 9.25 -1.46 32.16
CA ILE A 213 9.60 -2.77 31.60
C ILE A 213 11.13 -3.01 31.68
N SER A 214 11.54 -3.81 32.66
CA SER A 214 12.93 -4.18 32.86
C SER A 214 13.32 -5.37 31.94
N ALA A 215 14.61 -5.78 31.96
CA ALA A 215 15.15 -6.89 31.18
C ALA A 215 14.42 -8.22 31.45
N GLU A 216 13.90 -8.39 32.66
CA GLU A 216 13.16 -9.60 33.01
C GLU A 216 11.74 -9.67 32.42
N GLY A 217 11.24 -8.56 31.87
CA GLY A 217 9.91 -8.51 31.30
C GLY A 217 8.80 -8.45 32.32
N VAL A 218 7.55 -8.43 31.87
CA VAL A 218 6.39 -8.40 32.77
C VAL A 218 5.50 -9.59 32.49
N ASP A 219 5.27 -10.45 33.51
CA ASP A 219 4.42 -11.64 33.47
C ASP A 219 3.05 -11.31 32.86
N GLY A 220 2.60 -12.12 31.91
CA GLY A 220 1.30 -11.94 31.27
C GLY A 220 1.19 -10.79 30.30
N VAL A 221 2.34 -10.24 29.86
CA VAL A 221 2.35 -9.10 28.94
C VAL A 221 3.39 -9.33 27.83
N THR A 222 3.07 -8.88 26.61
CA THR A 222 4.03 -8.91 25.53
C THR A 222 4.03 -7.51 24.92
N PHE A 223 5.20 -6.87 24.83
CA PHE A 223 5.29 -5.56 24.21
C PHE A 223 5.67 -5.70 22.75
N PHE A 224 5.23 -4.77 21.89
CA PHE A 224 5.69 -4.73 20.52
C PHE A 224 6.26 -3.33 20.31
N ASP A 225 7.58 -3.20 20.24
CA ASP A 225 8.20 -1.89 20.02
C ASP A 225 8.22 -1.51 18.54
N LEU A 226 7.81 -0.27 18.23
CA LEU A 226 7.84 0.22 16.85
C LEU A 226 8.93 1.28 16.61
N THR A 227 9.50 1.85 17.67
CA THR A 227 10.49 2.92 17.60
C THR A 227 11.86 2.49 17.10
N GLY A 228 12.30 1.30 17.48
CA GLY A 228 13.62 0.85 17.09
C GLY A 228 14.71 1.33 18.03
N SER A 229 14.34 1.79 19.24
CA SER A 229 15.29 2.27 20.23
CA SER A 229 15.33 2.26 20.20
C SER A 229 16.13 1.09 20.74
N SER A 230 17.38 1.37 21.17
CA SER A 230 18.36 0.40 21.66
C SER A 230 17.87 -0.51 22.80
N MET A 231 17.01 -0.04 23.72
CA MET A 231 16.56 -0.92 24.81
C MET A 231 15.73 -2.11 24.31
N TRP A 232 15.03 -1.95 23.17
CA TRP A 232 14.22 -3.03 22.64
C TRP A 232 14.97 -3.93 21.68
N THR A 233 15.88 -3.34 20.88
CA THR A 233 16.61 -4.04 19.83
C THR A 233 17.92 -4.71 20.26
N ASP A 234 18.31 -4.62 21.54
CA ASP A 234 19.56 -5.25 22.00
C ASP A 234 19.47 -6.77 22.19
N ILE A 235 18.27 -7.33 22.21
CA ILE A 235 18.07 -8.74 22.37
C ILE A 235 17.80 -9.31 20.98
N PRO A 236 18.72 -10.13 20.44
CA PRO A 236 18.57 -10.58 19.05
C PRO A 236 17.39 -11.51 18.80
N GLU A 237 17.06 -12.37 19.76
CA GLU A 237 15.93 -13.29 19.58
C GLU A 237 14.55 -12.59 19.57
N ARG A 238 14.51 -11.28 19.84
CA ARG A 238 13.27 -10.51 19.86
C ARG A 238 13.15 -9.56 18.67
N LYS A 239 14.20 -9.43 17.85
CA LYS A 239 14.20 -8.51 16.71
C LYS A 239 13.63 -9.11 15.43
N LEU A 240 12.78 -8.33 14.76
CA LEU A 240 12.18 -8.63 13.48
C LEU A 240 12.70 -7.50 12.62
N GLN A 241 13.72 -7.76 11.81
CA GLN A 241 14.38 -6.74 11.00
C GLN A 241 13.81 -6.70 9.60
N PHE A 242 13.20 -5.58 9.20
CA PHE A 242 12.66 -5.47 7.85
C PHE A 242 13.76 -5.09 6.84
N ASP A 243 13.51 -5.42 5.57
CA ASP A 243 14.23 -4.87 4.43
C ASP A 243 13.18 -4.07 3.62
N LYS A 244 13.62 -3.27 2.64
CA LYS A 244 12.70 -2.41 1.90
C LYS A 244 11.60 -3.14 1.15
N THR A 245 11.77 -4.43 0.84
CA THR A 245 10.72 -5.19 0.17
C THR A 245 9.59 -5.69 1.11
N GLY A 246 9.74 -5.51 2.42
CA GLY A 246 8.77 -6.01 3.38
C GLY A 246 9.12 -7.36 3.98
N VAL A 247 10.25 -7.93 3.58
CA VAL A 247 10.74 -9.19 4.13
C VAL A 247 11.34 -8.91 5.52
N ILE A 248 11.02 -9.74 6.51
CA ILE A 248 11.63 -9.65 7.82
C ILE A 248 12.56 -10.84 8.02
N GLU A 249 13.66 -10.58 8.71
CA GLU A 249 14.63 -11.58 9.09
C GLU A 249 14.63 -11.62 10.61
N ALA A 250 14.87 -12.82 11.16
CA ALA A 250 14.86 -13.05 12.59
C ALA A 250 15.62 -14.35 12.87
N LEU A 251 16.00 -14.61 14.13
CA LEU A 251 16.61 -15.89 14.53
C LEU A 251 15.50 -16.94 14.38
N PRO A 252 15.78 -18.03 13.64
CA PRO A 252 14.73 -19.03 13.39
C PRO A 252 14.32 -19.75 14.66
N ARG A 253 13.07 -20.16 14.73
CA ARG A 253 12.54 -20.85 15.90
C ARG A 253 11.95 -22.20 15.50
N ASP A 254 11.93 -23.13 16.44
CA ASP A 254 11.37 -24.45 16.23
C ASP A 254 9.86 -24.32 15.97
N ARG A 255 9.31 -25.03 14.97
CA ARG A 255 7.89 -24.90 14.63
C ARG A 255 6.93 -25.37 15.74
N ASP A 256 7.35 -26.31 16.58
CA ASP A 256 6.49 -26.82 17.64
C ASP A 256 6.70 -26.13 18.97
N THR A 257 7.96 -25.85 19.35
CA THR A 257 8.25 -25.27 20.67
C THR A 257 8.53 -23.77 20.72
N TRP A 258 8.74 -23.12 19.55
CA TRP A 258 9.10 -21.70 19.45
C TRP A 258 10.52 -21.40 20.00
N MET A 259 11.30 -22.44 20.32
CA MET A 259 12.65 -22.28 20.84
C MET A 259 13.57 -21.81 19.73
N VAL A 260 14.45 -20.85 20.00
CA VAL A 260 15.42 -20.38 19.01
C VAL A 260 16.35 -21.55 18.57
N ILE A 261 16.55 -21.74 17.24
CA ILE A 261 17.38 -22.86 16.78
C ILE A 261 18.71 -22.43 16.12
N ASP A 262 19.00 -21.12 16.08
CA ASP A 262 20.26 -20.59 15.53
C ASP A 262 20.48 -19.19 16.08
N ASP A 263 21.73 -18.77 16.26
CA ASP A 263 22.02 -17.46 16.81
C ASP A 263 22.22 -16.37 15.77
N LYS A 264 21.99 -16.66 14.48
CA LYS A 264 22.08 -15.64 13.44
C LYS A 264 20.71 -15.46 12.80
N ALA A 265 20.47 -14.29 12.23
CA ALA A 265 19.19 -14.01 11.59
C ALA A 265 19.13 -14.60 10.18
N TRP A 266 18.01 -15.23 9.85
CA TRP A 266 17.76 -15.79 8.54
C TRP A 266 16.42 -15.25 8.06
N PHE A 267 15.97 -15.58 6.83
CA PHE A 267 14.63 -15.19 6.36
C PHE A 267 13.57 -15.68 7.38
N PHE A 268 12.61 -14.81 7.70
CA PHE A 268 11.53 -15.17 8.62
C PHE A 268 10.19 -15.13 7.86
N ALA A 269 9.84 -13.99 7.24
CA ALA A 269 8.56 -13.89 6.55
C ALA A 269 8.50 -12.74 5.60
N LEU A 270 7.64 -12.85 4.57
CA LEU A 270 7.31 -11.68 3.77
C LEU A 270 6.13 -11.15 4.60
N THR A 271 6.29 -10.01 5.30
CA THR A 271 5.23 -9.52 6.18
C THR A 271 3.91 -9.23 5.55
N ASP A 272 2.85 -9.43 6.34
CA ASP A 272 1.52 -9.03 5.99
C ASP A 272 1.50 -7.52 6.29
N GLN A 273 0.72 -6.77 5.54
CA GLN A 273 0.62 -5.33 5.70
C GLN A 273 -0.85 -4.99 5.63
N VAL A 274 -1.37 -4.31 6.63
CA VAL A 274 -2.76 -3.91 6.65
C VAL A 274 -2.74 -2.40 6.65
N SER A 275 -3.41 -1.76 5.69
CA SER A 275 -3.47 -0.31 5.65
C SER A 275 -4.43 0.21 6.74
N ILE A 276 -4.43 1.55 7.00
CA ILE A 276 -5.38 2.18 7.94
C ILE A 276 -6.82 1.88 7.52
N ALA A 277 -7.10 2.01 6.22
CA ALA A 277 -8.45 1.75 5.69
C ALA A 277 -8.86 0.28 5.89
N GLU A 278 -7.95 -0.68 5.64
CA GLU A 278 -8.28 -2.08 5.85
C GLU A 278 -8.53 -2.37 7.35
N ALA A 279 -7.71 -1.76 8.21
CA ALA A 279 -7.85 -1.95 9.65
C ALA A 279 -9.16 -1.34 10.16
N GLU A 280 -9.51 -0.17 9.65
CA GLU A 280 -10.76 0.49 10.05
C GLU A 280 -11.96 -0.30 9.55
N GLU A 281 -11.88 -0.87 8.34
CA GLU A 281 -12.93 -1.72 7.80
C GLU A 281 -13.16 -2.95 8.73
N PHE A 282 -12.05 -3.61 9.19
CA PHE A 282 -12.18 -4.75 10.09
C PHE A 282 -12.76 -4.31 11.44
N ALA A 283 -12.19 -3.25 12.03
CA ALA A 283 -12.62 -2.77 13.33
C ALA A 283 -14.10 -2.38 13.34
N GLN A 284 -14.57 -1.65 12.32
CA GLN A 284 -15.99 -1.24 12.24
C GLN A 284 -16.90 -2.43 12.04
N LYS A 285 -16.48 -3.41 11.24
CA LYS A 285 -17.27 -4.61 11.03
C LYS A 285 -17.41 -5.40 12.35
N LEU A 286 -16.34 -5.45 13.18
CA LEU A 286 -16.41 -6.11 14.49
C LEU A 286 -17.33 -5.33 15.41
N ALA A 287 -17.24 -3.99 15.39
CA ALA A 287 -18.12 -3.15 16.20
C ALA A 287 -19.59 -3.32 15.80
N GLN A 288 -19.92 -3.45 14.51
CA GLN A 288 -21.32 -3.65 14.10
C GLN A 288 -21.82 -5.03 14.56
N TRP A 289 -20.96 -6.04 14.54
CA TRP A 289 -21.33 -7.36 15.05
C TRP A 289 -21.62 -7.29 16.55
N ARG A 290 -20.85 -6.48 17.30
CA ARG A 290 -21.03 -6.35 18.74
CA ARG A 290 -21.03 -6.34 18.75
C ARG A 290 -22.33 -5.62 19.10
N LEU A 291 -22.76 -4.68 18.25
CA LEU A 291 -23.99 -3.90 18.46
C LEU A 291 -25.22 -4.72 18.13
N ALA A 292 -25.12 -5.62 17.14
CA ALA A 292 -26.21 -6.48 16.71
C ALA A 292 -26.53 -7.50 17.82
N SER B 28 -3.10 22.02 2.23
CA SER B 28 -2.50 22.99 1.31
C SER B 28 -1.86 22.29 0.10
N MET B 29 -2.69 21.73 -0.79
CA MET B 29 -2.24 21.01 -1.99
C MET B 29 -1.43 21.88 -2.98
N ASP B 30 -1.71 23.20 -3.05
CA ASP B 30 -0.93 24.08 -3.92
C ASP B 30 0.42 24.42 -3.28
N ALA B 31 0.45 24.57 -1.94
CA ALA B 31 1.69 24.88 -1.21
C ALA B 31 2.66 23.73 -1.25
N ASN B 32 2.14 22.52 -1.11
CA ASN B 32 2.98 21.32 -1.05
C ASN B 32 2.83 20.47 -2.30
N TYR B 33 2.62 21.11 -3.48
CA TYR B 33 2.47 20.36 -4.72
C TYR B 33 3.74 19.60 -5.09
N ARG B 34 4.92 20.10 -4.71
CA ARG B 34 6.18 19.41 -5.03
C ARG B 34 6.33 18.07 -4.29
N TRP B 35 5.55 17.86 -3.23
CA TRP B 35 5.55 16.57 -2.55
C TRP B 35 4.68 15.55 -3.32
N PHE B 36 3.74 16.00 -4.19
CA PHE B 36 2.85 15.06 -4.87
C PHE B 36 3.03 14.98 -6.37
N HIS B 37 3.19 16.15 -7.02
CA HIS B 37 3.30 16.32 -8.45
C HIS B 37 4.47 17.21 -8.88
N PRO B 38 5.72 16.77 -8.63
CA PRO B 38 6.86 17.59 -9.05
C PRO B 38 7.15 17.46 -10.55
N ALA B 39 8.13 18.25 -11.06
CA ALA B 39 8.54 18.14 -12.46
C ALA B 39 9.17 16.74 -12.64
N PRO B 40 8.84 16.03 -13.72
CA PRO B 40 9.34 14.65 -13.86
C PRO B 40 10.87 14.52 -13.87
N ASN B 41 11.60 15.61 -14.21
CA ASN B 41 13.08 15.55 -14.18
C ASN B 41 13.65 15.42 -12.76
N THR B 42 12.82 15.60 -11.72
CA THR B 42 13.30 15.47 -10.34
C THR B 42 13.11 14.07 -9.76
N LEU B 43 12.35 13.19 -10.45
CA LEU B 43 11.98 11.89 -9.92
C LEU B 43 13.15 10.96 -9.69
N ALA B 44 14.15 10.97 -10.58
CA ALA B 44 15.33 10.12 -10.43
C ALA B 44 16.04 10.33 -9.08
N ALA B 45 16.35 11.61 -8.73
CA ALA B 45 16.99 11.96 -7.46
C ALA B 45 16.15 11.64 -6.24
N ALA B 46 14.82 11.61 -6.41
CA ALA B 46 13.87 11.32 -5.33
C ALA B 46 13.62 9.82 -5.12
N VAL B 47 14.18 8.95 -5.96
CA VAL B 47 13.98 7.51 -5.82
C VAL B 47 14.43 7.00 -4.44
N GLY B 48 13.57 6.23 -3.78
CA GLY B 48 13.85 5.69 -2.44
C GLY B 48 13.38 6.54 -1.28
N SER B 49 12.99 7.79 -1.55
CA SER B 49 12.55 8.70 -0.49
C SER B 49 11.14 8.34 0.09
N PRO B 50 10.67 8.94 1.20
CA PRO B 50 9.33 8.62 1.72
C PRO B 50 8.17 8.96 0.76
N ARG B 51 8.40 9.82 -0.24
CA ARG B 51 7.35 10.18 -1.21
C ARG B 51 7.09 9.03 -2.19
N MET B 52 8.07 8.13 -2.42
CA MET B 52 7.90 7.06 -3.40
C MET B 52 6.91 5.97 -2.98
N TRP B 53 5.96 5.66 -3.89
CA TRP B 53 4.93 4.65 -3.70
C TRP B 53 3.99 4.94 -2.52
N GLU B 54 3.85 6.23 -2.18
CA GLU B 54 3.06 6.72 -1.07
C GLU B 54 1.55 6.81 -1.35
N ARG B 55 1.12 6.83 -2.63
CA ARG B 55 -0.32 6.93 -2.92
C ARG B 55 -1.12 5.78 -2.36
N LYS B 56 -2.29 6.07 -1.78
CA LYS B 56 -3.13 5.03 -1.18
C LYS B 56 -4.52 4.97 -1.81
N PRO B 57 -5.01 3.75 -2.09
CA PRO B 57 -6.38 3.62 -2.62
C PRO B 57 -7.47 3.59 -1.55
N ASP B 58 -7.40 4.48 -0.56
CA ASP B 58 -8.33 4.48 0.58
C ASP B 58 -9.61 5.31 0.43
N GLY B 59 -9.69 6.15 -0.58
CA GLY B 59 -10.82 7.05 -0.76
C GLY B 59 -10.60 8.41 -0.13
N LYS B 60 -9.53 8.58 0.66
CA LYS B 60 -9.17 9.84 1.31
C LYS B 60 -8.06 10.50 0.52
N ASP B 61 -7.08 9.72 0.03
CA ASP B 61 -5.98 10.26 -0.76
C ASP B 61 -6.57 10.70 -2.11
N LEU B 62 -6.74 12.00 -2.27
CA LEU B 62 -7.31 12.53 -3.52
C LEU B 62 -6.32 12.53 -4.70
N ASN B 63 -5.07 12.09 -4.48
CA ASN B 63 -4.08 11.97 -5.55
C ASN B 63 -3.95 10.53 -6.07
N PHE B 64 -4.71 9.56 -5.51
CA PHE B 64 -4.64 8.19 -6.00
C PHE B 64 -5.24 8.18 -7.39
N GLY B 65 -4.52 7.59 -8.34
CA GLY B 65 -4.94 7.56 -9.73
C GLY B 65 -4.86 8.91 -10.41
N VAL B 66 -4.10 9.86 -9.86
CA VAL B 66 -3.94 11.19 -10.47
C VAL B 66 -2.50 11.32 -10.98
N VAL B 67 -2.32 11.86 -12.19
CA VAL B 67 -0.97 11.98 -12.75
C VAL B 67 -0.75 13.34 -13.38
N ARG B 68 0.39 13.94 -13.11
CA ARG B 68 0.74 15.23 -13.66
C ARG B 68 1.13 15.11 -15.14
N VAL B 69 0.56 15.98 -15.98
CA VAL B 69 0.87 16.02 -17.40
C VAL B 69 1.60 17.30 -17.83
N GLY B 70 1.61 18.33 -16.99
CA GLY B 70 2.29 19.57 -17.30
C GLY B 70 2.08 20.65 -16.25
N GLY B 71 2.32 21.89 -16.66
CA GLY B 71 2.17 23.06 -15.81
C GLY B 71 1.07 24.01 -16.31
N SER B 72 0.43 24.71 -15.37
CA SER B 72 -0.62 25.67 -15.65
C SER B 72 -0.08 27.04 -16.08
N GLY B 73 1.21 27.28 -15.86
CA GLY B 73 1.83 28.57 -16.10
C GLY B 73 1.85 28.99 -17.55
N PHE B 74 1.71 30.30 -17.74
CA PHE B 74 1.82 31.00 -19.02
C PHE B 74 2.16 32.49 -18.73
N GLY B 75 2.60 33.22 -19.76
CA GLY B 75 2.99 34.62 -19.60
C GLY B 75 4.48 34.72 -19.73
N ARG B 76 4.96 35.53 -20.68
CA ARG B 76 6.39 35.68 -20.94
C ARG B 76 6.93 37.07 -20.59
N TYR B 77 6.06 38.06 -20.37
CA TYR B 77 6.50 39.43 -20.12
C TYR B 77 5.53 40.30 -19.28
N GLN B 78 4.31 40.55 -19.78
CA GLN B 78 3.34 41.42 -19.11
C GLN B 78 3.07 41.00 -17.66
N SER B 79 2.86 39.69 -17.46
CA SER B 79 2.63 39.10 -16.14
C SER B 79 2.80 37.58 -16.27
N VAL B 80 3.28 36.94 -15.21
CA VAL B 80 3.55 35.52 -15.23
C VAL B 80 2.69 34.78 -14.23
N VAL B 81 2.00 33.73 -14.69
CA VAL B 81 1.15 32.92 -13.83
C VAL B 81 2.06 31.99 -13.02
N TYR B 82 1.84 31.90 -11.71
CA TYR B 82 2.55 30.97 -10.84
C TYR B 82 2.23 29.55 -11.33
N ASN B 83 3.26 28.82 -11.75
CA ASN B 83 3.13 27.52 -12.35
C ASN B 83 2.68 26.40 -11.37
N LEU B 84 1.46 25.93 -11.52
CA LEU B 84 0.95 24.82 -10.70
C LEU B 84 0.81 23.59 -11.62
N PRO B 85 0.89 22.37 -11.07
CA PRO B 85 0.75 21.19 -11.94
C PRO B 85 -0.65 21.04 -12.48
N LYS B 86 -0.78 20.54 -13.71
CA LYS B 86 -2.04 20.21 -14.36
C LYS B 86 -2.00 18.69 -14.48
N MET B 87 -3.13 18.06 -14.17
CA MET B 87 -3.22 16.60 -14.10
CA MET B 87 -3.22 16.60 -14.09
C MET B 87 -4.43 16.01 -14.82
N VAL B 88 -4.42 14.69 -15.01
CA VAL B 88 -5.54 13.91 -15.50
C VAL B 88 -5.77 12.83 -14.43
N SER B 89 -7.03 12.45 -14.24
CA SER B 89 -7.35 11.38 -13.33
C SER B 89 -7.62 10.09 -14.16
N LEU B 90 -6.94 9.00 -13.81
CA LEU B 90 -7.13 7.71 -14.47
C LEU B 90 -8.53 7.13 -14.15
N LEU B 91 -9.14 7.57 -13.04
CA LEU B 91 -10.39 7.04 -12.54
C LEU B 91 -11.65 7.63 -13.11
N VAL B 92 -11.53 8.71 -13.90
CA VAL B 92 -12.72 9.37 -14.42
C VAL B 92 -12.92 9.13 -15.91
N GLU B 93 -11.92 8.57 -16.64
CA GLU B 93 -12.11 8.28 -18.06
C GLU B 93 -11.52 6.94 -18.41
N PRO B 94 -12.20 6.17 -19.30
CA PRO B 94 -11.65 4.89 -19.72
C PRO B 94 -10.39 5.03 -20.57
N TRP B 95 -10.18 6.21 -21.19
CA TRP B 95 -8.99 6.50 -21.97
C TRP B 95 -8.73 7.99 -22.15
N TYR B 96 -7.53 8.34 -22.59
CA TYR B 96 -7.11 9.68 -22.97
C TYR B 96 -6.40 9.53 -24.30
N ALA B 97 -6.67 10.45 -25.23
CA ALA B 97 -6.10 10.40 -26.56
C ALA B 97 -5.10 11.53 -26.68
N LEU B 98 -3.82 11.18 -26.85
CA LEU B 98 -2.76 12.18 -26.94
C LEU B 98 -2.60 12.49 -28.43
N VAL B 99 -2.94 13.70 -28.86
CA VAL B 99 -2.93 14.08 -30.27
C VAL B 99 -1.85 15.12 -30.58
N GLY B 100 -0.81 14.71 -31.28
CA GLY B 100 0.26 15.63 -31.65
C GLY B 100 1.35 14.95 -32.44
N GLU B 101 2.49 15.62 -32.57
CA GLU B 101 3.65 15.10 -33.27
C GLU B 101 4.28 14.00 -32.44
N ARG B 102 4.93 13.05 -33.11
CA ARG B 102 5.51 11.85 -32.49
C ARG B 102 6.34 12.10 -31.23
N GLU B 103 7.37 12.95 -31.28
CA GLU B 103 8.25 13.20 -30.14
C GLU B 103 7.55 13.88 -28.97
N GLN B 104 6.66 14.85 -29.24
CA GLN B 104 5.97 15.53 -28.16
C GLN B 104 4.95 14.62 -27.46
N VAL B 105 4.35 13.67 -28.20
CA VAL B 105 3.41 12.71 -27.65
C VAL B 105 4.18 11.66 -26.80
N LEU B 106 5.33 11.21 -27.31
CA LEU B 106 6.19 10.27 -26.59
C LEU B 106 6.73 10.92 -25.33
N GLY B 107 7.16 12.18 -25.44
CA GLY B 107 7.69 12.96 -24.33
C GLY B 107 6.71 13.07 -23.19
N LEU B 108 5.42 13.25 -23.49
CA LEU B 108 4.38 13.33 -22.46
C LEU B 108 4.13 11.95 -21.90
N MET B 109 4.01 10.94 -22.76
CA MET B 109 3.77 9.59 -22.30
C MET B 109 4.86 9.08 -21.36
N ARG B 110 6.14 9.39 -21.65
CA ARG B 110 7.23 8.98 -20.75
C ARG B 110 7.09 9.71 -19.42
N ALA B 111 6.73 11.01 -19.44
CA ALA B 111 6.50 11.76 -18.21
C ALA B 111 5.39 11.10 -17.38
N ILE B 112 4.25 10.74 -18.01
CA ILE B 112 3.13 10.08 -17.32
C ILE B 112 3.57 8.76 -16.67
N ILE B 113 4.32 7.94 -17.41
CA ILE B 113 4.81 6.67 -16.88
C ILE B 113 5.74 6.89 -15.68
N CYS B 114 6.73 7.80 -15.83
CA CYS B 114 7.65 8.07 -14.73
C CYS B 114 6.94 8.60 -13.49
N GLN B 115 5.95 9.50 -13.67
CA GLN B 115 5.19 10.03 -12.53
C GLN B 115 4.48 8.89 -11.74
N LEU B 116 3.71 8.03 -12.46
CA LEU B 116 2.97 6.93 -11.85
C LEU B 116 3.87 5.88 -11.25
N ALA B 117 4.99 5.53 -11.93
CA ALA B 117 5.94 4.56 -11.38
C ALA B 117 6.56 5.06 -10.07
N PHE B 118 6.66 6.38 -9.89
CA PHE B 118 7.21 6.96 -8.69
C PHE B 118 6.17 7.08 -7.61
N SER B 119 4.96 7.57 -7.94
CA SER B 119 3.96 7.84 -6.91
C SER B 119 3.14 6.65 -6.46
N HIS B 120 2.89 5.68 -7.34
CA HIS B 120 2.08 4.50 -7.07
C HIS B 120 2.96 3.27 -7.13
N GLY B 121 2.85 2.44 -6.10
CA GLY B 121 3.58 1.17 -6.06
C GLY B 121 3.02 0.20 -7.08
N PRO B 122 3.81 -0.80 -7.50
CA PRO B 122 3.30 -1.78 -8.48
C PRO B 122 2.14 -2.66 -7.98
N ASP B 123 1.86 -2.65 -6.68
CA ASP B 123 0.69 -3.33 -6.12
C ASP B 123 -0.60 -2.53 -6.43
N HIS B 124 -0.48 -1.24 -6.78
CA HIS B 124 -1.64 -0.40 -7.02
C HIS B 124 -1.80 -0.02 -8.50
N VAL B 125 -0.69 0.11 -9.23
CA VAL B 125 -0.76 0.45 -10.64
C VAL B 125 0.12 -0.51 -11.42
N GLN B 126 -0.46 -1.21 -12.40
CA GLN B 126 0.29 -2.10 -13.29
C GLN B 126 0.28 -1.40 -14.67
N MET B 127 1.35 -1.53 -15.43
CA MET B 127 1.46 -0.87 -16.73
C MET B 127 1.73 -1.84 -17.87
N ILE B 128 1.19 -1.54 -19.06
CA ILE B 128 1.35 -2.33 -20.27
C ILE B 128 1.56 -1.41 -21.47
N VAL B 129 2.45 -1.77 -22.39
CA VAL B 129 2.64 -1.02 -23.63
C VAL B 129 2.39 -2.02 -24.79
N VAL B 130 1.64 -1.58 -25.81
CA VAL B 130 1.36 -2.35 -27.01
C VAL B 130 1.82 -1.42 -28.12
N SER B 131 3.00 -1.71 -28.69
CA SER B 131 3.58 -0.79 -29.67
C SER B 131 4.21 -1.51 -30.83
N SER B 132 4.15 -0.90 -32.01
CA SER B 132 4.83 -1.40 -33.19
C SER B 132 6.22 -0.73 -33.37
N ASP B 133 6.67 0.05 -32.36
CA ASP B 133 7.92 0.78 -32.30
C ASP B 133 8.62 0.29 -31.02
N LEU B 134 8.96 -1.01 -30.96
CA LEU B 134 9.57 -1.66 -29.79
C LEU B 134 10.79 -0.94 -29.20
N ASP B 135 11.73 -0.51 -30.06
CA ASP B 135 12.93 0.20 -29.64
C ASP B 135 12.66 1.40 -28.72
N GLN B 136 11.47 2.01 -28.83
CA GLN B 136 11.11 3.16 -28.01
C GLN B 136 10.79 2.80 -26.56
N TRP B 137 10.42 1.56 -26.29
CA TRP B 137 9.98 1.18 -24.96
C TRP B 137 10.88 0.23 -24.22
N ASP B 138 12.15 0.09 -24.64
CA ASP B 138 13.07 -0.82 -23.95
C ASP B 138 13.30 -0.43 -22.49
N TRP B 139 13.41 0.88 -22.20
CA TRP B 139 13.63 1.42 -20.86
C TRP B 139 12.61 1.01 -19.79
N VAL B 140 11.36 0.68 -20.17
CA VAL B 140 10.34 0.31 -19.19
C VAL B 140 10.59 -1.09 -18.57
N LYS B 141 11.56 -1.86 -19.08
CA LYS B 141 11.92 -3.19 -18.55
C LYS B 141 12.47 -3.10 -17.10
N TRP B 142 12.97 -1.92 -16.70
CA TRP B 142 13.49 -1.70 -15.35
C TRP B 142 12.38 -1.39 -14.35
N LEU B 143 11.16 -1.05 -14.79
CA LEU B 143 10.07 -0.68 -13.89
C LEU B 143 9.32 -1.89 -13.46
N PRO B 144 9.10 -2.06 -12.14
CA PRO B 144 8.37 -3.24 -11.67
C PRO B 144 6.91 -3.26 -12.11
N HIS B 145 6.32 -2.08 -12.39
CA HIS B 145 4.94 -1.94 -12.82
C HIS B 145 4.67 -2.69 -14.13
N PHE B 146 5.69 -2.84 -14.99
CA PHE B 146 5.55 -3.55 -16.25
C PHE B 146 5.87 -5.05 -16.13
N GLY B 147 6.15 -5.57 -14.93
CA GLY B 147 6.51 -6.97 -14.78
C GLY B 147 5.30 -7.85 -14.57
N ASP B 148 5.36 -9.11 -15.05
CA ASP B 148 4.24 -10.04 -14.87
C ASP B 148 4.48 -10.89 -13.65
N ARG B 159 8.11 -9.29 -19.57
CA ARG B 159 7.63 -7.93 -19.35
C ARG B 159 6.37 -7.63 -20.20
N MET B 160 5.48 -6.75 -19.71
CA MET B 160 4.25 -6.44 -20.41
CA MET B 160 4.25 -6.43 -20.41
C MET B 160 4.45 -5.37 -21.50
N VAL B 161 5.32 -5.68 -22.47
CA VAL B 161 5.62 -4.84 -23.64
C VAL B 161 5.34 -5.78 -24.80
N TYR B 162 4.28 -5.49 -25.58
CA TYR B 162 3.81 -6.35 -26.66
C TYR B 162 3.91 -5.67 -28.01
N THR B 163 4.05 -6.46 -29.07
CA THR B 163 4.19 -5.97 -30.45
C THR B 163 2.84 -5.82 -31.19
N SER B 164 1.79 -6.48 -30.69
CA SER B 164 0.49 -6.41 -31.35
C SER B 164 -0.64 -6.54 -30.35
N VAL B 165 -1.86 -6.14 -30.76
CA VAL B 165 -3.06 -6.30 -29.94
C VAL B 165 -3.33 -7.80 -29.72
N ARG B 166 -3.11 -8.63 -30.77
CA ARG B 166 -3.34 -10.08 -30.66
C ARG B 166 -2.50 -10.69 -29.54
N GLU B 167 -1.20 -10.40 -29.55
CA GLU B 167 -0.26 -10.93 -28.58
C GLU B 167 -0.62 -10.44 -27.18
N PHE B 168 -0.95 -9.15 -27.05
CA PHE B 168 -1.35 -8.58 -25.77
C PHE B 168 -2.60 -9.26 -25.22
N ALA B 169 -3.64 -9.42 -26.04
CA ALA B 169 -4.91 -10.01 -25.60
C ALA B 169 -4.79 -11.49 -25.23
N ALA B 170 -3.86 -12.21 -25.87
CA ALA B 170 -3.64 -13.61 -25.54
C ALA B 170 -2.99 -13.73 -24.17
N GLU B 171 -1.98 -12.88 -23.90
CA GLU B 171 -1.30 -12.91 -22.61
C GLU B 171 -2.08 -12.25 -21.49
N GLN B 172 -2.94 -11.29 -21.81
CA GLN B 172 -3.72 -10.60 -20.80
C GLN B 172 -5.18 -11.02 -20.80
N ALA B 173 -5.49 -12.25 -21.24
CA ALA B 173 -6.86 -12.75 -21.27
C ALA B 173 -7.46 -12.78 -19.87
N GLU B 174 -6.68 -13.22 -18.89
CA GLU B 174 -7.12 -13.28 -17.49
C GLU B 174 -7.40 -11.90 -16.87
N LEU B 175 -6.90 -10.81 -17.48
CA LEU B 175 -7.17 -9.46 -16.99
C LEU B 175 -8.56 -9.02 -17.44
N PHE B 176 -8.88 -9.20 -18.72
CA PHE B 176 -10.17 -8.82 -19.30
C PHE B 176 -11.32 -9.75 -18.95
N ALA B 177 -11.02 -11.00 -18.57
CA ALA B 177 -12.05 -11.99 -18.27
C ALA B 177 -12.97 -11.62 -17.11
N GLY B 178 -14.26 -11.47 -17.41
CA GLY B 178 -15.25 -11.14 -16.40
C GLY B 178 -15.24 -9.70 -15.96
N ARG B 179 -14.70 -8.81 -16.80
CA ARG B 179 -14.64 -7.39 -16.48
C ARG B 179 -15.66 -6.61 -17.25
N GLY B 180 -16.41 -5.78 -16.54
CA GLY B 180 -17.44 -4.96 -17.15
C GLY B 180 -16.92 -3.68 -17.75
N SER B 181 -17.83 -2.77 -18.08
CA SER B 181 -17.50 -1.48 -18.68
C SER B 181 -16.88 -0.54 -17.63
N PHE B 182 -16.23 0.53 -18.09
CA PHE B 182 -15.59 1.48 -17.18
C PHE B 182 -16.62 2.30 -16.45
N THR B 183 -16.49 2.39 -15.14
CA THR B 183 -17.35 3.24 -14.34
C THR B 183 -16.51 4.36 -13.72
N PRO B 184 -16.76 5.62 -14.11
CA PRO B 184 -16.00 6.73 -13.52
C PRO B 184 -16.22 6.84 -12.02
N ARG B 185 -15.19 7.26 -11.28
CA ARG B 185 -15.33 7.44 -9.84
C ARG B 185 -16.13 8.73 -9.56
N HIS B 186 -17.14 8.65 -8.69
CA HIS B 186 -17.94 9.81 -8.34
C HIS B 186 -17.16 10.71 -7.36
N ALA B 187 -17.43 12.03 -7.39
CA ALA B 187 -16.75 12.95 -6.48
C ALA B 187 -17.22 12.73 -5.04
N SER B 188 -18.53 12.50 -4.85
CA SER B 188 -19.09 12.26 -3.52
C SER B 188 -18.51 11.01 -2.86
N SER B 189 -18.05 10.03 -3.67
CA SER B 189 -17.49 8.77 -3.19
C SER B 189 -16.27 8.93 -2.30
N SER B 190 -16.24 8.12 -1.25
CA SER B 190 -15.12 7.99 -0.29
C SER B 190 -14.68 6.49 -0.15
N ALA B 191 -15.25 5.59 -0.99
CA ALA B 191 -14.99 4.16 -1.02
C ALA B 191 -13.57 3.86 -1.50
N GLN B 192 -13.05 2.68 -1.12
CA GLN B 192 -11.71 2.28 -1.55
C GLN B 192 -11.73 1.92 -3.02
N THR B 193 -10.62 2.18 -3.70
CA THR B 193 -10.50 1.89 -5.12
C THR B 193 -9.93 0.49 -5.31
N PRO B 194 -10.56 -0.35 -6.16
CA PRO B 194 -10.00 -1.68 -6.40
C PRO B 194 -8.64 -1.62 -7.10
N THR B 195 -7.69 -2.41 -6.58
CA THR B 195 -6.34 -2.44 -7.11
C THR B 195 -5.94 -3.88 -7.53
N PRO B 196 -4.98 -4.02 -8.45
CA PRO B 196 -4.27 -2.94 -9.17
C PRO B 196 -5.04 -2.35 -10.33
N HIS B 197 -4.90 -1.04 -10.52
CA HIS B 197 -5.47 -0.35 -11.67
C HIS B 197 -4.44 -0.58 -12.78
N THR B 198 -4.89 -0.69 -14.03
CA THR B 198 -3.98 -0.95 -15.13
C THR B 198 -3.93 0.22 -16.05
N VAL B 199 -2.73 0.61 -16.48
CA VAL B 199 -2.57 1.71 -17.45
C VAL B 199 -2.01 1.08 -18.71
N ILE B 200 -2.70 1.24 -19.85
CA ILE B 200 -2.25 0.61 -21.09
C ILE B 200 -1.95 1.65 -22.12
N ILE B 201 -0.72 1.65 -22.66
CA ILE B 201 -0.32 2.60 -23.68
C ILE B 201 -0.61 1.93 -25.00
N ALA B 202 -1.54 2.51 -25.76
CA ALA B 202 -1.93 2.01 -27.06
C ALA B 202 -1.09 2.78 -28.08
N ASP B 203 -0.07 2.12 -28.61
CA ASP B 203 0.88 2.69 -29.55
C ASP B 203 1.01 1.86 -30.86
N VAL B 204 -0.11 1.37 -31.38
CA VAL B 204 -0.15 0.63 -32.65
C VAL B 204 -1.54 0.86 -33.30
N ASP B 205 -1.59 1.36 -34.54
CA ASP B 205 -2.88 1.56 -35.19
C ASP B 205 -3.25 0.19 -35.70
N ASP B 206 -4.24 -0.41 -35.07
CA ASP B 206 -4.65 -1.76 -35.34
C ASP B 206 -6.17 -1.79 -35.23
N PRO B 207 -6.85 -2.34 -36.25
CA PRO B 207 -8.33 -2.40 -36.18
C PRO B 207 -8.89 -3.24 -35.03
N GLN B 208 -8.07 -4.17 -34.48
CA GLN B 208 -8.51 -5.04 -33.39
C GLN B 208 -8.71 -4.35 -32.05
N TRP B 209 -8.34 -3.06 -31.92
CA TRP B 209 -8.51 -2.33 -30.66
C TRP B 209 -10.00 -2.31 -30.22
N GLU B 210 -10.93 -2.19 -31.18
CA GLU B 210 -12.38 -2.19 -30.94
C GLU B 210 -12.83 -3.44 -30.23
N TYR B 211 -12.30 -4.61 -30.62
CA TYR B 211 -12.64 -5.89 -30.01
C TYR B 211 -12.08 -6.10 -28.59
N VAL B 212 -11.31 -5.13 -28.06
CA VAL B 212 -10.72 -5.23 -26.73
C VAL B 212 -11.26 -4.10 -25.82
N ILE B 213 -11.46 -2.90 -26.39
CA ILE B 213 -12.00 -1.77 -25.68
C ILE B 213 -13.20 -1.18 -26.42
N SER B 214 -14.41 -1.53 -26.00
CA SER B 214 -15.63 -1.01 -26.62
C SER B 214 -15.83 0.51 -26.29
N ALA B 215 -16.87 1.15 -26.84
CA ALA B 215 -17.21 2.54 -26.55
C ALA B 215 -17.46 2.82 -25.04
N GLU B 216 -17.56 1.75 -24.22
CA GLU B 216 -17.77 1.89 -22.78
C GLU B 216 -16.52 1.60 -21.93
N GLY B 217 -15.39 1.28 -22.57
CA GLY B 217 -14.14 0.99 -21.88
C GLY B 217 -14.11 -0.29 -21.08
N VAL B 218 -13.01 -0.49 -20.32
CA VAL B 218 -12.79 -1.67 -19.47
C VAL B 218 -12.58 -1.25 -18.00
N ASP B 219 -13.35 -1.83 -17.08
CA ASP B 219 -13.30 -1.50 -15.65
C ASP B 219 -11.90 -1.69 -15.06
N GLY B 220 -11.47 -0.69 -14.29
CA GLY B 220 -10.16 -0.68 -13.62
C GLY B 220 -8.97 -0.55 -14.57
N VAL B 221 -9.21 -0.03 -15.78
CA VAL B 221 -8.18 0.12 -16.82
C VAL B 221 -8.30 1.51 -17.45
N THR B 222 -7.17 2.14 -17.76
CA THR B 222 -7.19 3.42 -18.46
C THR B 222 -6.22 3.29 -19.60
N PHE B 223 -6.66 3.61 -20.80
CA PHE B 223 -5.79 3.54 -21.97
C PHE B 223 -5.24 4.93 -22.27
N PHE B 224 -4.05 5.00 -22.87
CA PHE B 224 -3.51 6.24 -23.38
C PHE B 224 -3.16 5.98 -24.84
N ASP B 225 -3.93 6.55 -25.78
CA ASP B 225 -3.63 6.35 -27.19
C ASP B 225 -2.60 7.37 -27.66
N LEU B 226 -1.62 6.89 -28.44
CA LEU B 226 -0.59 7.75 -29.00
C LEU B 226 -0.71 7.88 -30.54
N THR B 227 -1.48 7.02 -31.20
CA THR B 227 -1.59 7.02 -32.66
C THR B 227 -2.40 8.17 -33.25
N GLY B 228 -3.43 8.60 -32.55
CA GLY B 228 -4.32 9.63 -33.06
C GLY B 228 -5.42 9.05 -33.94
N SER B 229 -5.70 7.74 -33.82
CA SER B 229 -6.74 7.06 -34.59
CA SER B 229 -6.74 7.05 -34.58
C SER B 229 -8.12 7.56 -34.18
N SER B 230 -9.05 7.64 -35.15
CA SER B 230 -10.41 8.15 -34.95
C SER B 230 -11.19 7.45 -33.84
N MET B 231 -10.96 6.16 -33.58
CA MET B 231 -11.72 5.47 -32.53
C MET B 231 -11.42 5.96 -31.10
N TRP B 232 -10.29 6.66 -30.93
CA TRP B 232 -9.90 7.20 -29.63
C TRP B 232 -10.18 8.69 -29.56
N THR B 233 -10.01 9.41 -30.68
CA THR B 233 -10.18 10.86 -30.74
C THR B 233 -11.61 11.37 -30.97
N ASP B 234 -12.61 10.50 -31.08
CA ASP B 234 -13.99 10.95 -31.33
C ASP B 234 -14.67 11.53 -30.09
N ILE B 235 -14.14 11.23 -28.89
CA ILE B 235 -14.70 11.65 -27.60
C ILE B 235 -13.93 12.91 -27.16
N PRO B 236 -14.56 14.10 -27.25
CA PRO B 236 -13.82 15.34 -26.97
C PRO B 236 -13.27 15.49 -25.55
N GLU B 237 -13.97 15.01 -24.54
CA GLU B 237 -13.49 15.12 -23.16
C GLU B 237 -12.29 14.21 -22.82
N ARG B 238 -11.86 13.37 -23.77
CA ARG B 238 -10.71 12.49 -23.59
C ARG B 238 -9.49 12.93 -24.39
N LYS B 239 -9.64 13.91 -25.27
CA LYS B 239 -8.56 14.37 -26.12
CA LYS B 239 -8.56 14.37 -26.12
C LYS B 239 -7.70 15.44 -25.46
N LEU B 240 -6.37 15.29 -25.62
CA LEU B 240 -5.37 16.22 -25.14
C LEU B 240 -4.67 16.61 -26.45
N GLN B 241 -5.05 17.75 -27.00
CA GLN B 241 -4.55 18.17 -28.31
C GLN B 241 -3.34 19.08 -28.19
N PHE B 242 -2.19 18.66 -28.72
CA PHE B 242 -0.99 19.49 -28.69
C PHE B 242 -1.01 20.55 -29.78
N ASP B 243 -0.30 21.65 -29.55
CA ASP B 243 0.04 22.60 -30.60
C ASP B 243 1.58 22.46 -30.79
N LYS B 244 2.17 23.19 -31.74
CA LYS B 244 3.60 23.07 -32.03
C LYS B 244 4.53 23.53 -30.90
N THR B 245 4.02 24.31 -29.93
CA THR B 245 4.86 24.76 -28.81
C THR B 245 4.87 23.77 -27.62
N GLY B 246 4.07 22.71 -27.68
CA GLY B 246 4.00 21.75 -26.59
C GLY B 246 2.87 22.04 -25.60
N VAL B 247 2.02 23.03 -25.89
CA VAL B 247 0.87 23.34 -25.06
C VAL B 247 -0.25 22.37 -25.45
N ILE B 248 -0.98 21.80 -24.47
CA ILE B 248 -2.14 21.01 -24.77
C ILE B 248 -3.41 21.78 -24.45
N GLU B 249 -4.42 21.56 -25.27
CA GLU B 249 -5.72 22.12 -25.04
C GLU B 249 -6.66 20.94 -24.82
N ALA B 250 -7.63 21.11 -23.93
CA ALA B 250 -8.60 20.08 -23.56
C ALA B 250 -9.84 20.75 -22.96
N LEU B 251 -10.97 20.01 -22.86
CA LEU B 251 -12.21 20.49 -22.22
C LEU B 251 -11.87 20.66 -20.73
N PRO B 252 -12.12 21.86 -20.20
CA PRO B 252 -11.73 22.13 -18.82
C PRO B 252 -12.51 21.31 -17.82
N ARG B 253 -11.87 20.99 -16.71
CA ARG B 253 -12.50 20.18 -15.67
C ARG B 253 -12.43 20.87 -14.32
N ASP B 254 -13.42 20.56 -13.48
CA ASP B 254 -13.52 21.06 -12.13
C ASP B 254 -12.35 20.53 -11.34
N ARG B 255 -11.64 21.42 -10.63
CA ARG B 255 -10.46 21.06 -9.86
C ARG B 255 -10.71 20.05 -8.76
N ASP B 256 -11.92 19.99 -8.19
CA ASP B 256 -12.21 19.06 -7.10
C ASP B 256 -12.90 17.78 -7.56
N THR B 257 -13.78 17.88 -8.54
CA THR B 257 -14.54 16.70 -9.00
C THR B 257 -14.08 16.05 -10.31
N TRP B 258 -13.25 16.74 -11.11
CA TRP B 258 -12.81 16.27 -12.43
C TRP B 258 -13.91 16.29 -13.49
N MET B 259 -15.12 16.80 -13.16
CA MET B 259 -16.23 16.89 -14.10
C MET B 259 -15.93 17.96 -15.14
N VAL B 260 -16.29 17.68 -16.39
CA VAL B 260 -16.12 18.61 -17.49
C VAL B 260 -17.04 19.83 -17.29
N ILE B 261 -16.48 21.05 -17.36
CA ILE B 261 -17.26 22.26 -17.11
C ILE B 261 -17.53 23.11 -18.36
N ASP B 262 -17.07 22.67 -19.55
CA ASP B 262 -17.32 23.39 -20.80
C ASP B 262 -17.17 22.42 -21.96
N ASP B 263 -17.96 22.62 -23.03
CA ASP B 263 -17.91 21.70 -24.17
C ASP B 263 -16.92 22.14 -25.26
N LYS B 264 -16.18 23.22 -25.05
CA LYS B 264 -15.17 23.72 -25.98
C LYS B 264 -13.76 23.48 -25.36
N ALA B 265 -12.73 23.30 -26.20
CA ALA B 265 -11.37 23.07 -25.70
C ALA B 265 -10.68 24.40 -25.39
N TRP B 266 -10.06 24.49 -24.24
CA TRP B 266 -9.34 25.70 -23.82
C TRP B 266 -7.90 25.31 -23.47
N PHE B 267 -7.03 26.29 -23.13
CA PHE B 267 -5.67 26.02 -22.66
C PHE B 267 -5.74 25.04 -21.47
N PHE B 268 -4.90 24.02 -21.49
CA PHE B 268 -4.90 23.04 -20.40
C PHE B 268 -3.57 23.04 -19.68
N ALA B 269 -2.46 22.77 -20.39
CA ALA B 269 -1.15 22.76 -19.75
C ALA B 269 -0.03 22.93 -20.75
N LEU B 270 1.12 23.43 -20.28
CA LEU B 270 2.34 23.38 -21.06
C LEU B 270 2.83 21.98 -20.66
N THR B 271 2.85 21.00 -21.60
CA THR B 271 3.20 19.63 -21.23
C THR B 271 4.58 19.45 -20.69
N ASP B 272 4.73 18.48 -19.79
CA ASP B 272 6.04 18.05 -19.37
C ASP B 272 6.56 17.15 -20.50
N GLN B 273 7.88 17.15 -20.69
CA GLN B 273 8.49 16.36 -21.72
C GLN B 273 9.66 15.62 -21.09
N VAL B 274 9.61 14.30 -21.13
CA VAL B 274 10.70 13.48 -20.62
C VAL B 274 11.36 12.77 -21.81
N SER B 275 12.62 13.08 -22.08
CA SER B 275 13.37 12.43 -23.17
C SER B 275 13.64 10.97 -22.84
N ILE B 276 14.09 10.19 -23.85
CA ILE B 276 14.48 8.78 -23.67
C ILE B 276 15.59 8.68 -22.62
N ALA B 277 16.59 9.60 -22.69
CA ALA B 277 17.70 9.57 -21.74
C ALA B 277 17.20 9.82 -20.31
N GLU B 278 16.28 10.80 -20.12
CA GLU B 278 15.73 11.08 -18.81
C GLU B 278 14.91 9.88 -18.29
N ALA B 279 14.13 9.25 -19.18
CA ALA B 279 13.32 8.10 -18.80
C ALA B 279 14.18 6.91 -18.37
N GLU B 280 15.26 6.64 -19.13
CA GLU B 280 16.21 5.57 -18.83
C GLU B 280 16.90 5.85 -17.50
N GLU B 281 17.30 7.11 -17.24
CA GLU B 281 17.94 7.53 -15.98
C GLU B 281 17.02 7.22 -14.80
N PHE B 282 15.72 7.61 -14.90
CA PHE B 282 14.78 7.35 -13.81
C PHE B 282 14.58 5.86 -13.60
N ALA B 283 14.33 5.14 -14.70
CA ALA B 283 14.02 3.72 -14.60
C ALA B 283 15.19 2.90 -14.05
N GLN B 284 16.42 3.25 -14.46
CA GLN B 284 17.60 2.54 -13.97
C GLN B 284 17.80 2.82 -12.49
N LYS B 285 17.57 4.07 -12.04
CA LYS B 285 17.70 4.45 -10.63
C LYS B 285 16.69 3.68 -9.82
N LEU B 286 15.43 3.59 -10.28
CA LEU B 286 14.43 2.79 -9.59
C LEU B 286 14.86 1.31 -9.53
N ALA B 287 15.40 0.76 -10.64
CA ALA B 287 15.86 -0.63 -10.65
C ALA B 287 17.01 -0.86 -9.67
N GLN B 288 17.97 0.07 -9.61
CA GLN B 288 19.11 -0.03 -8.69
C GLN B 288 18.64 -0.01 -7.25
N TRP B 289 17.60 0.80 -6.95
CA TRP B 289 17.02 0.85 -5.62
C TRP B 289 16.40 -0.51 -5.28
N ARG B 290 15.72 -1.13 -6.24
CA ARG B 290 15.12 -2.45 -6.02
C ARG B 290 16.19 -3.55 -5.80
N LEU B 291 17.36 -3.40 -6.40
CA LEU B 291 18.46 -4.38 -6.27
C LEU B 291 19.34 -4.15 -5.03
N ALA B 292 19.21 -2.99 -4.36
CA ALA B 292 19.99 -2.67 -3.16
C ALA B 292 19.25 -3.10 -1.87
#